data_7QS0
#
_entry.id   7QS0
#
_cell.length_a   65.991
_cell.length_b   65.991
_cell.length_c   103.312
_cell.angle_alpha   90.000
_cell.angle_beta   90.000
_cell.angle_gamma   120.000
#
_symmetry.space_group_name_H-M   'P 32'
#
loop_
_entity.id
_entity.type
_entity.pdbx_description
1 polymer 'Tripartite motif-containing protein 10'
2 non-polymer 1,2-ETHANEDIOL
3 water water
#
_entity_poly.entity_id   1
_entity_poly.type   'polypeptide(L)'
_entity_poly.pdbx_seq_one_letter_code
;ELDYEPAHISLDPQTSHPKLLLSEDHQRAQFSYKWQNSPDNPQRFDRATCVLAHTGITGGRHTWVVSIDLAHGGSCTVGV
VSEDVQRKGELRLRPEEGVWAVRLAWGFVSALGSFPTRLTLKEQPRQVRVSLDYEVGWVTFTNAVTREPIYTFTASFTRK
VIPFFGLWGRGSSFSLSS
;
_entity_poly.pdbx_strand_id   A,B,C
#
# COMPACT_ATOMS: atom_id res chain seq x y z
N LEU A 2 -10.26 -7.36 -7.63
CA LEU A 2 -9.87 -6.46 -6.48
C LEU A 2 -8.84 -7.19 -5.57
N ASP A 3 -8.29 -8.31 -6.02
CA ASP A 3 -7.13 -8.97 -5.37
C ASP A 3 -5.88 -8.71 -6.23
N TYR A 4 -5.81 -7.55 -6.86
CA TYR A 4 -4.61 -7.05 -7.58
C TYR A 4 -3.57 -6.57 -6.57
N GLU A 5 -2.33 -7.04 -6.73
CA GLU A 5 -1.24 -6.85 -5.75
C GLU A 5 -0.55 -5.54 -6.06
N PRO A 6 -0.59 -4.52 -5.18
CA PRO A 6 0.20 -3.31 -5.37
C PRO A 6 1.66 -3.69 -5.67
N ALA A 7 2.21 -3.16 -6.73
CA ALA A 7 3.59 -3.43 -7.19
C ALA A 7 4.43 -2.15 -6.98
N HIS A 8 5.69 -2.32 -6.59
CA HIS A 8 6.76 -1.31 -6.71
C HIS A 8 7.13 -1.11 -8.18
N ILE A 9 7.05 0.11 -8.65
CA ILE A 9 7.59 0.52 -9.97
C ILE A 9 8.77 1.44 -9.73
N SER A 10 9.89 1.16 -10.37
CA SER A 10 10.99 2.14 -10.53
C SER A 10 11.30 2.28 -12.01
N LEU A 11 11.33 3.50 -12.50
CA LEU A 11 11.67 3.80 -13.91
C LEU A 11 13.14 3.45 -14.14
N ASP A 12 13.39 2.70 -15.20
CA ASP A 12 14.73 2.23 -15.61
C ASP A 12 15.43 3.30 -16.48
N PRO A 13 16.50 3.97 -15.96
CA PRO A 13 17.21 5.02 -16.73
C PRO A 13 17.97 4.50 -17.94
N GLN A 14 18.03 3.18 -18.15
CA GLN A 14 18.63 2.54 -19.36
C GLN A 14 17.70 2.68 -20.58
N THR A 15 16.40 2.82 -20.35
CA THR A 15 15.34 2.70 -21.38
C THR A 15 14.87 4.09 -21.85
N SER A 16 15.01 5.13 -21.00
CA SER A 16 14.30 6.43 -21.15
C SER A 16 14.82 7.19 -22.38
N HIS A 17 13.91 7.61 -23.25
CA HIS A 17 14.19 8.59 -24.34
C HIS A 17 14.94 9.78 -23.76
N PRO A 18 15.95 10.33 -24.51
CA PRO A 18 16.73 11.48 -24.05
C PRO A 18 15.90 12.71 -23.68
N LYS A 19 14.67 12.77 -24.13
CA LYS A 19 13.76 13.92 -23.89
C LYS A 19 12.99 13.72 -22.56
N LEU A 20 13.27 12.66 -21.79
CA LEU A 20 12.62 12.43 -20.47
C LEU A 20 13.66 12.62 -19.38
N LEU A 21 13.33 13.43 -18.38
CA LEU A 21 14.12 13.59 -17.14
C LEU A 21 13.44 12.80 -16.01
N LEU A 22 14.15 11.78 -15.47
CA LEU A 22 13.73 10.95 -14.30
C LEU A 22 14.18 11.62 -13.01
N SER A 23 13.37 11.53 -11.96
CA SER A 23 13.71 11.94 -10.59
C SER A 23 14.81 11.02 -10.01
N GLU A 24 15.56 11.51 -9.03
CA GLU A 24 16.61 10.74 -8.30
C GLU A 24 16.03 9.38 -7.86
N ASP A 25 14.79 9.38 -7.38
CA ASP A 25 14.16 8.18 -6.74
C ASP A 25 13.57 7.26 -7.83
N HIS A 26 13.63 7.64 -9.11
CA HIS A 26 13.11 6.84 -10.27
C HIS A 26 11.56 6.67 -10.18
N GLN A 27 10.86 7.56 -9.47
CA GLN A 27 9.38 7.50 -9.24
C GLN A 27 8.64 8.48 -10.17
N ARG A 28 9.34 9.42 -10.81
CA ARG A 28 8.71 10.51 -11.59
C ARG A 28 9.51 10.75 -12.87
N ALA A 29 8.85 11.24 -13.91
CA ALA A 29 9.48 11.70 -15.16
C ALA A 29 8.81 12.98 -15.64
N GLN A 30 9.56 13.87 -16.28
CA GLN A 30 8.99 15.03 -17.02
C GLN A 30 9.64 15.17 -18.39
N PHE A 31 8.87 15.70 -19.34
CA PHE A 31 9.33 16.03 -20.69
C PHE A 31 10.28 17.24 -20.57
N SER A 32 11.52 17.04 -20.97
CA SER A 32 12.64 17.98 -20.84
C SER A 32 12.76 18.83 -22.11
N TYR A 33 12.99 20.11 -21.96
CA TYR A 33 13.27 21.04 -23.07
C TYR A 33 14.52 20.57 -23.83
N LYS A 34 15.43 19.87 -23.14
CA LYS A 34 16.74 19.45 -23.69
C LYS A 34 16.73 17.93 -23.96
N TRP A 35 17.25 17.50 -25.12
CA TRP A 35 17.81 16.14 -25.36
C TRP A 35 19.02 15.97 -24.44
N GLN A 36 18.97 15.04 -23.48
CA GLN A 36 20.20 14.63 -22.72
C GLN A 36 21.15 13.83 -23.63
N ASN A 37 22.46 13.88 -23.35
CA ASN A 37 23.49 13.10 -24.08
C ASN A 37 23.44 11.65 -23.59
N SER A 38 22.27 11.02 -23.73
CA SER A 38 21.95 9.68 -23.20
C SER A 38 22.71 8.62 -23.98
N PRO A 39 23.52 7.76 -23.31
CA PRO A 39 24.11 6.59 -23.96
C PRO A 39 23.08 5.84 -24.83
N ASP A 40 23.33 5.71 -26.15
CA ASP A 40 22.37 5.08 -27.09
C ASP A 40 22.60 3.58 -27.06
N ASN A 41 22.29 2.96 -25.92
CA ASN A 41 22.32 1.50 -25.69
C ASN A 41 21.04 0.90 -26.27
N PRO A 42 21.06 -0.40 -26.63
CA PRO A 42 19.93 -1.01 -27.33
C PRO A 42 18.58 -1.02 -26.58
N GLN A 43 18.60 -0.84 -25.26
CA GLN A 43 17.37 -0.84 -24.42
CA GLN A 43 17.38 -0.83 -24.41
C GLN A 43 16.65 0.52 -24.51
N ARG A 44 17.35 1.58 -24.96
CA ARG A 44 16.82 2.96 -24.90
C ARG A 44 15.93 3.25 -26.12
N PHE A 45 14.73 3.76 -25.89
CA PHE A 45 13.87 4.37 -26.93
C PHE A 45 14.63 5.55 -27.57
N ASP A 46 14.69 5.63 -28.91
CA ASP A 46 15.37 6.74 -29.62
C ASP A 46 14.35 7.67 -30.31
N ARG A 47 13.12 7.23 -30.55
CA ARG A 47 12.08 8.09 -31.21
C ARG A 47 10.86 8.26 -30.30
N ALA A 48 10.27 7.16 -29.85
CA ALA A 48 9.15 7.12 -28.88
C ALA A 48 9.64 7.73 -27.56
N THR A 49 9.00 8.80 -27.09
CA THR A 49 9.41 9.55 -25.87
C THR A 49 8.89 8.79 -24.65
N CYS A 50 9.48 7.63 -24.38
CA CYS A 50 8.95 6.56 -23.50
C CYS A 50 10.06 6.07 -22.55
N VAL A 51 9.64 5.37 -21.52
CA VAL A 51 10.51 4.77 -20.48
C VAL A 51 9.80 3.53 -19.96
N LEU A 52 10.56 2.49 -19.62
CA LEU A 52 10.04 1.28 -18.98
C LEU A 52 10.40 1.30 -17.50
N ALA A 53 9.62 0.58 -16.70
CA ALA A 53 10.00 0.13 -15.37
C ALA A 53 11.19 -0.85 -15.45
N HIS A 54 11.89 -1.03 -14.33
CA HIS A 54 13.05 -1.93 -14.18
C HIS A 54 12.61 -3.40 -14.19
N THR A 55 11.54 -3.72 -13.47
CA THR A 55 11.11 -5.10 -13.17
C THR A 55 9.89 -5.45 -14.00
N GLY A 56 9.98 -6.56 -14.76
CA GLY A 56 8.89 -7.12 -15.55
C GLY A 56 8.03 -8.08 -14.72
N ILE A 57 6.88 -8.47 -15.27
CA ILE A 57 5.88 -9.38 -14.67
C ILE A 57 5.80 -10.63 -15.53
N THR A 58 5.77 -11.81 -14.91
CA THR A 58 5.65 -13.12 -15.62
C THR A 58 4.49 -13.93 -15.05
N GLY A 59 3.70 -13.34 -14.15
CA GLY A 59 2.51 -13.99 -13.61
C GLY A 59 1.78 -13.15 -12.62
N GLY A 60 0.63 -13.66 -12.16
CA GLY A 60 -0.19 -13.05 -11.09
C GLY A 60 -1.01 -11.85 -11.55
N ARG A 61 -1.57 -11.15 -10.57
CA ARG A 61 -2.34 -9.89 -10.71
C ARG A 61 -1.59 -8.78 -9.99
N HIS A 62 -1.31 -7.67 -10.69
CA HIS A 62 -0.49 -6.55 -10.20
C HIS A 62 -1.13 -5.23 -10.61
N THR A 63 -0.90 -4.18 -9.83
CA THR A 63 -1.56 -2.86 -9.99
C THR A 63 -0.62 -1.76 -9.51
N TRP A 64 -0.62 -0.65 -10.21
CA TRP A 64 0.12 0.59 -9.88
C TRP A 64 -0.68 1.80 -10.33
N VAL A 65 -0.39 2.97 -9.80
CA VAL A 65 -1.10 4.25 -10.07
C VAL A 65 -0.11 5.25 -10.65
N VAL A 66 -0.49 5.89 -11.75
CA VAL A 66 0.26 6.99 -12.42
C VAL A 66 -0.53 8.29 -12.19
N SER A 67 0.03 9.23 -11.46
CA SER A 67 -0.47 10.63 -11.37
C SER A 67 0.12 11.44 -12.54
N ILE A 68 -0.75 12.14 -13.25
CA ILE A 68 -0.43 12.80 -14.55
C ILE A 68 -0.66 14.27 -14.40
N ASP A 69 0.35 15.07 -14.72
CA ASP A 69 0.27 16.56 -14.74
C ASP A 69 0.64 17.04 -16.15
N LEU A 70 -0.34 17.52 -16.90
CA LEU A 70 -0.17 18.11 -18.26
C LEU A 70 -0.37 19.62 -18.13
N ALA A 71 0.73 20.36 -17.95
CA ALA A 71 0.69 21.80 -17.60
C ALA A 71 0.16 22.61 -18.81
N HIS A 72 0.44 22.19 -20.05
CA HIS A 72 0.24 23.03 -21.26
C HIS A 72 -0.10 22.19 -22.49
N GLY A 73 -1.16 21.39 -22.44
CA GLY A 73 -1.68 20.68 -23.64
C GLY A 73 -0.78 19.51 -24.07
N GLY A 74 0.05 19.00 -23.17
CA GLY A 74 0.86 17.80 -23.46
C GLY A 74 0.02 16.53 -23.41
N SER A 75 0.67 15.37 -23.47
CA SER A 75 0.02 14.05 -23.34
C SER A 75 0.88 13.13 -22.48
N CYS A 76 0.26 12.10 -21.95
CA CYS A 76 0.91 11.00 -21.21
C CYS A 76 0.33 9.66 -21.69
N THR A 77 1.18 8.70 -21.91
CA THR A 77 0.85 7.32 -22.32
C THR A 77 1.25 6.36 -21.18
N VAL A 78 0.36 5.43 -20.83
CA VAL A 78 0.53 4.44 -19.75
C VAL A 78 0.03 3.08 -20.25
N GLY A 79 0.63 2.01 -19.76
CA GLY A 79 0.32 0.65 -20.23
C GLY A 79 1.41 -0.30 -19.87
N VAL A 80 1.52 -1.35 -20.65
CA VAL A 80 2.52 -2.44 -20.47
C VAL A 80 2.98 -2.82 -21.85
N VAL A 81 4.22 -3.31 -21.96
CA VAL A 81 4.81 -3.79 -23.24
C VAL A 81 5.37 -5.19 -23.00
N SER A 82 5.31 -6.04 -24.00
CA SER A 82 6.14 -7.25 -24.11
C SER A 82 7.62 -6.81 -24.11
N GLU A 83 8.46 -7.55 -23.39
CA GLU A 83 9.86 -7.13 -23.12
C GLU A 83 10.66 -7.05 -24.42
N ASP A 84 10.19 -7.66 -25.49
CA ASP A 84 10.85 -7.64 -26.82
C ASP A 84 10.15 -6.61 -27.72
N VAL A 85 9.47 -5.62 -27.14
CA VAL A 85 8.95 -4.44 -27.90
C VAL A 85 10.11 -3.77 -28.64
N GLN A 86 9.87 -3.31 -29.86
CA GLN A 86 10.82 -2.50 -30.68
C GLN A 86 11.08 -1.16 -29.99
N ARG A 87 12.33 -0.85 -29.70
CA ARG A 87 12.72 0.40 -29.01
C ARG A 87 13.31 1.40 -29.99
N LYS A 88 14.01 0.94 -31.03
CA LYS A 88 14.69 1.79 -32.05
C LYS A 88 13.72 2.06 -33.19
N GLY A 89 13.63 3.31 -33.65
CA GLY A 89 12.88 3.70 -34.85
C GLY A 89 11.43 4.04 -34.54
N GLU A 90 10.63 4.25 -35.58
CA GLU A 90 9.20 4.63 -35.46
C GLU A 90 8.43 3.40 -34.99
N LEU A 91 8.10 3.35 -33.71
CA LEU A 91 7.30 2.28 -33.07
C LEU A 91 5.81 2.63 -33.23
N ARG A 92 5.00 1.68 -33.67
CA ARG A 92 3.52 1.77 -33.62
C ARG A 92 3.06 1.16 -32.29
N LEU A 93 2.44 1.96 -31.44
CA LEU A 93 1.92 1.54 -30.14
C LEU A 93 0.59 0.82 -30.37
N ARG A 94 0.64 -0.51 -30.52
CA ARG A 94 -0.54 -1.35 -30.77
C ARG A 94 -0.25 -2.76 -30.29
N PRO A 95 -1.32 -3.49 -29.91
CA PRO A 95 -1.20 -4.86 -29.41
C PRO A 95 -0.35 -5.76 -30.30
N GLU A 96 -0.58 -5.71 -31.61
CA GLU A 96 0.15 -6.56 -32.61
C GLU A 96 1.67 -6.45 -32.38
N GLU A 97 2.16 -5.27 -31.94
CA GLU A 97 3.61 -4.99 -31.73
C GLU A 97 3.96 -4.99 -30.23
N GLY A 98 3.13 -5.64 -29.41
CA GLY A 98 3.40 -5.88 -27.97
C GLY A 98 3.25 -4.61 -27.13
N VAL A 99 2.33 -3.69 -27.51
CA VAL A 99 2.01 -2.48 -26.70
C VAL A 99 0.51 -2.49 -26.35
N TRP A 100 0.20 -2.40 -25.05
CA TRP A 100 -1.18 -2.30 -24.51
C TRP A 100 -1.25 -1.05 -23.63
N ALA A 101 -1.70 0.08 -24.20
CA ALA A 101 -1.52 1.41 -23.58
C ALA A 101 -2.73 2.30 -23.85
N VAL A 102 -2.95 3.25 -22.96
CA VAL A 102 -3.90 4.37 -23.16
C VAL A 102 -3.10 5.68 -23.28
N ARG A 103 -3.57 6.62 -24.10
CA ARG A 103 -3.00 7.99 -24.19
C ARG A 103 -3.99 9.00 -23.59
N LEU A 104 -3.53 9.84 -22.68
CA LEU A 104 -4.32 10.92 -22.07
C LEU A 104 -3.71 12.28 -22.41
N ALA A 105 -4.54 13.14 -22.97
CA ALA A 105 -4.36 14.60 -23.08
C ALA A 105 -5.59 15.26 -22.48
N TRP A 106 -5.55 16.58 -22.30
CA TRP A 106 -6.71 17.39 -21.87
C TRP A 106 -7.85 17.23 -22.88
N GLY A 107 -8.99 16.71 -22.44
CA GLY A 107 -10.20 16.53 -23.28
C GLY A 107 -10.06 15.39 -24.28
N PHE A 108 -9.04 14.54 -24.16
CA PHE A 108 -8.77 13.45 -25.14
C PHE A 108 -8.13 12.26 -24.42
N VAL A 109 -8.86 11.14 -24.34
CA VAL A 109 -8.32 9.82 -23.92
C VAL A 109 -8.59 8.80 -25.03
N SER A 110 -7.60 7.99 -25.40
CA SER A 110 -7.79 6.91 -26.40
C SER A 110 -7.01 5.66 -25.99
N ALA A 111 -7.61 4.49 -26.22
CA ALA A 111 -6.93 3.19 -26.22
C ALA A 111 -6.17 3.06 -27.55
N LEU A 112 -4.86 2.83 -27.50
CA LEU A 112 -4.00 2.79 -28.70
C LEU A 112 -4.07 1.41 -29.35
N GLY A 113 -4.31 1.39 -30.65
CA GLY A 113 -4.25 0.19 -31.50
C GLY A 113 -4.24 0.58 -32.97
N SER A 114 -4.11 -0.39 -33.89
CA SER A 114 -4.33 -0.20 -35.34
C SER A 114 -5.50 0.77 -35.52
N PHE A 115 -6.56 0.56 -34.73
CA PHE A 115 -7.79 1.38 -34.72
C PHE A 115 -8.01 1.95 -33.31
N PRO A 116 -7.38 3.11 -33.00
CA PRO A 116 -7.54 3.71 -31.69
C PRO A 116 -9.02 3.94 -31.37
N THR A 117 -9.39 3.77 -30.11
CA THR A 117 -10.75 3.97 -29.57
C THR A 117 -10.76 5.22 -28.72
N ARG A 118 -11.51 6.23 -29.13
CA ARG A 118 -11.69 7.42 -28.30
C ARG A 118 -12.67 7.09 -27.17
N LEU A 119 -12.31 7.45 -25.96
CA LEU A 119 -13.07 7.18 -24.73
C LEU A 119 -13.51 8.53 -24.16
N THR A 120 -14.81 8.70 -23.92
CA THR A 120 -15.36 9.84 -23.15
C THR A 120 -15.65 9.34 -21.75
N LEU A 121 -15.08 10.01 -20.76
CA LEU A 121 -15.15 9.64 -19.34
C LEU A 121 -16.01 10.67 -18.62
N LYS A 122 -16.45 10.33 -17.44
CA LYS A 122 -17.20 11.27 -16.57
C LYS A 122 -16.27 12.39 -16.10
N GLU A 123 -15.00 12.08 -15.85
CA GLU A 123 -14.00 13.06 -15.33
C GLU A 123 -12.67 12.90 -16.09
N GLN A 124 -11.91 13.98 -16.22
CA GLN A 124 -10.49 13.96 -16.65
C GLN A 124 -9.68 13.30 -15.55
N PRO A 125 -9.10 12.11 -15.78
CA PRO A 125 -8.30 11.45 -14.76
C PRO A 125 -7.06 12.25 -14.35
N ARG A 126 -6.91 12.51 -13.06
CA ARG A 126 -5.66 12.91 -12.39
C ARG A 126 -4.72 11.70 -12.26
N GLN A 127 -5.29 10.57 -11.87
CA GLN A 127 -4.57 9.35 -11.49
C GLN A 127 -5.18 8.20 -12.27
N VAL A 128 -4.34 7.44 -12.97
CA VAL A 128 -4.75 6.24 -13.72
C VAL A 128 -4.18 5.01 -13.01
N ARG A 129 -5.06 4.10 -12.58
CA ARG A 129 -4.65 2.76 -12.06
C ARG A 129 -4.57 1.80 -13.25
N VAL A 130 -3.42 1.17 -13.40
CA VAL A 130 -3.20 0.02 -14.30
C VAL A 130 -3.29 -1.24 -13.45
N SER A 131 -4.21 -2.13 -13.80
CA SER A 131 -4.43 -3.43 -13.16
C SER A 131 -4.14 -4.54 -14.17
N LEU A 132 -3.06 -5.26 -13.98
CA LEU A 132 -2.62 -6.32 -14.94
C LEU A 132 -2.93 -7.68 -14.33
N ASP A 133 -3.73 -8.49 -15.00
CA ASP A 133 -3.89 -9.93 -14.73
C ASP A 133 -3.13 -10.72 -15.80
N TYR A 134 -1.91 -11.17 -15.49
CA TYR A 134 -1.05 -11.90 -16.44
C TYR A 134 -1.72 -13.25 -16.76
N GLU A 135 -2.37 -13.85 -15.77
CA GLU A 135 -2.86 -15.24 -15.83
C GLU A 135 -4.00 -15.35 -16.85
N VAL A 136 -4.90 -14.38 -16.84
CA VAL A 136 -6.08 -14.37 -17.75
C VAL A 136 -5.73 -13.62 -19.06
N GLY A 137 -4.99 -12.50 -18.95
CA GLY A 137 -4.57 -11.67 -20.09
C GLY A 137 -5.33 -10.34 -20.13
N TRP A 138 -5.57 -9.70 -18.99
CA TRP A 138 -6.31 -8.41 -18.90
C TRP A 138 -5.32 -7.31 -18.61
N VAL A 139 -5.41 -6.21 -19.35
CA VAL A 139 -4.83 -4.90 -18.98
C VAL A 139 -5.98 -3.92 -18.79
N THR A 140 -6.29 -3.59 -17.54
CA THR A 140 -7.42 -2.73 -17.16
C THR A 140 -6.90 -1.36 -16.73
N PHE A 141 -7.54 -0.33 -17.22
CA PHE A 141 -7.26 1.06 -16.84
C PHE A 141 -8.51 1.60 -16.18
N THR A 142 -8.33 2.22 -15.03
CA THR A 142 -9.39 2.93 -14.29
C THR A 142 -8.85 4.29 -13.80
N ASN A 143 -9.76 5.20 -13.55
CA ASN A 143 -9.53 6.39 -12.70
C ASN A 143 -9.27 5.88 -11.27
N ALA A 144 -8.05 6.05 -10.77
CA ALA A 144 -7.59 5.47 -9.49
C ALA A 144 -8.32 6.13 -8.31
N VAL A 145 -8.88 7.34 -8.50
CA VAL A 145 -9.60 8.07 -7.41
C VAL A 145 -11.06 7.60 -7.37
N THR A 146 -11.74 7.53 -8.51
CA THR A 146 -13.22 7.30 -8.58
C THR A 146 -13.52 5.84 -8.93
N ARG A 147 -12.55 5.11 -9.46
CA ARG A 147 -12.67 3.70 -9.93
C ARG A 147 -13.50 3.64 -11.22
N GLU A 148 -13.75 4.78 -11.85
CA GLU A 148 -14.42 4.82 -13.16
C GLU A 148 -13.63 3.97 -14.17
N PRO A 149 -14.29 2.98 -14.81
CA PRO A 149 -13.65 2.19 -15.85
C PRO A 149 -13.22 3.07 -17.04
N ILE A 150 -12.03 2.82 -17.59
CA ILE A 150 -11.49 3.57 -18.76
C ILE A 150 -11.44 2.63 -19.96
N TYR A 151 -10.70 1.52 -19.84
CA TYR A 151 -10.54 0.54 -20.92
C TYR A 151 -9.98 -0.75 -20.37
N THR A 152 -10.28 -1.85 -21.05
CA THR A 152 -9.70 -3.19 -20.83
C THR A 152 -9.28 -3.79 -22.15
N PHE A 153 -7.99 -4.12 -22.28
CA PHE A 153 -7.46 -4.98 -23.36
C PHE A 153 -7.53 -6.44 -22.93
N THR A 154 -7.86 -7.30 -23.87
CA THR A 154 -7.66 -8.76 -23.80
C THR A 154 -6.42 -9.14 -24.59
N ALA A 155 -5.48 -9.81 -23.94
CA ALA A 155 -4.13 -10.08 -24.46
C ALA A 155 -3.79 -11.54 -24.23
N SER A 156 -2.97 -12.11 -25.08
CA SER A 156 -2.31 -13.41 -24.85
C SER A 156 -0.82 -13.14 -24.63
N PHE A 157 -0.37 -13.28 -23.41
CA PHE A 157 1.03 -13.01 -23.03
C PHE A 157 1.82 -14.28 -23.31
N THR A 158 2.87 -14.18 -24.14
CA THR A 158 3.80 -15.30 -24.45
C THR A 158 5.19 -14.99 -23.85
N ARG A 159 5.39 -13.79 -23.29
CA ARG A 159 6.70 -13.32 -22.76
C ARG A 159 6.47 -12.44 -21.53
N LYS A 160 7.54 -12.08 -20.85
CA LYS A 160 7.53 -11.09 -19.77
C LYS A 160 6.91 -9.79 -20.28
N VAL A 161 6.14 -9.10 -19.42
CA VAL A 161 5.55 -7.76 -19.75
C VAL A 161 6.09 -6.74 -18.75
N ILE A 162 6.32 -5.52 -19.20
CA ILE A 162 6.98 -4.46 -18.41
C ILE A 162 6.10 -3.23 -18.41
N PRO A 163 5.81 -2.65 -17.22
CA PRO A 163 5.11 -1.39 -17.17
C PRO A 163 5.76 -0.35 -18.12
N PHE A 164 4.94 0.42 -18.82
CA PHE A 164 5.29 1.31 -19.95
C PHE A 164 4.70 2.69 -19.71
N PHE A 165 5.48 3.73 -20.02
CA PHE A 165 5.14 5.16 -19.80
C PHE A 165 5.72 6.00 -20.93
N GLY A 166 4.98 7.02 -21.35
CA GLY A 166 5.41 8.03 -22.32
C GLY A 166 4.86 9.39 -21.97
N LEU A 167 5.62 10.43 -22.35
CA LEU A 167 5.23 11.85 -22.20
C LEU A 167 5.56 12.60 -23.50
N TRP A 168 4.75 13.57 -23.86
CA TRP A 168 5.00 14.49 -24.98
C TRP A 168 4.63 15.90 -24.55
N GLY A 169 5.50 16.86 -24.84
CA GLY A 169 5.21 18.30 -24.63
C GLY A 169 5.82 18.77 -23.32
N ARG A 170 6.51 19.90 -23.35
CA ARG A 170 7.10 20.54 -22.15
C ARG A 170 6.00 20.80 -21.11
N GLY A 171 6.32 20.65 -19.83
CA GLY A 171 5.36 20.84 -18.71
C GLY A 171 4.54 19.58 -18.44
N SER A 172 4.78 18.50 -19.18
CA SER A 172 4.07 17.21 -18.98
CA SER A 172 4.08 17.21 -18.99
C SER A 172 4.92 16.32 -18.07
N SER A 173 4.29 15.66 -17.10
CA SER A 173 4.99 14.79 -16.13
C SER A 173 4.03 13.74 -15.56
N PHE A 174 4.60 12.71 -14.96
CA PHE A 174 3.87 11.66 -14.25
C PHE A 174 4.70 11.22 -13.05
N SER A 175 4.01 10.74 -12.03
CA SER A 175 4.63 10.20 -10.79
C SER A 175 3.93 8.90 -10.42
N LEU A 176 4.67 7.98 -9.81
CA LEU A 176 4.21 6.62 -9.53
C LEU A 176 3.81 6.49 -8.06
N SER A 177 2.80 5.66 -7.81
CA SER A 177 2.43 5.03 -6.50
C SER A 177 1.68 3.72 -6.81
N SER A 178 0.98 3.11 -5.84
CA SER A 178 0.54 1.68 -5.97
C SER A 178 -0.86 1.48 -5.40
N ASP B 3 21.97 -3.45 -6.30
CA ASP B 3 23.11 -3.90 -5.49
C ASP B 3 22.74 -5.23 -4.81
N TYR B 4 21.52 -5.36 -4.32
CA TYR B 4 21.06 -6.56 -3.56
C TYR B 4 20.64 -7.63 -4.56
N GLU B 5 21.18 -8.85 -4.42
CA GLU B 5 20.95 -10.01 -5.31
C GLU B 5 19.63 -10.67 -4.90
N PRO B 6 18.59 -10.67 -5.77
CA PRO B 6 17.36 -11.39 -5.47
C PRO B 6 17.71 -12.85 -5.14
N ALA B 7 17.22 -13.34 -4.02
CA ALA B 7 17.46 -14.72 -3.55
C ALA B 7 16.24 -15.58 -3.87
N HIS B 8 16.45 -16.78 -4.40
CA HIS B 8 15.41 -17.83 -4.41
C HIS B 8 15.52 -18.61 -3.11
N ILE B 9 14.43 -18.63 -2.38
CA ILE B 9 14.30 -19.31 -1.10
C ILE B 9 13.35 -20.49 -1.28
N SER B 10 13.66 -21.60 -0.68
CA SER B 10 12.73 -22.69 -0.36
C SER B 10 12.68 -22.83 1.16
N LEU B 11 11.49 -22.82 1.73
CA LEU B 11 11.30 -23.13 3.16
C LEU B 11 11.70 -24.59 3.36
N ASP B 12 12.54 -24.84 4.37
CA ASP B 12 13.08 -26.18 4.70
C ASP B 12 12.11 -26.92 5.61
N PRO B 13 11.42 -27.97 5.12
CA PRO B 13 10.44 -28.71 5.94
C PRO B 13 11.04 -29.49 7.12
N GLN B 14 12.38 -29.56 7.22
CA GLN B 14 13.10 -30.18 8.36
C GLN B 14 13.07 -29.26 9.60
N THR B 15 12.92 -27.97 9.41
CA THR B 15 13.11 -26.92 10.45
C THR B 15 11.75 -26.50 11.05
N SER B 16 10.66 -26.62 10.29
CA SER B 16 9.35 -25.97 10.56
C SER B 16 8.73 -26.56 11.83
N HIS B 17 8.36 -25.70 12.77
CA HIS B 17 7.50 -26.06 13.93
C HIS B 17 6.29 -26.83 13.41
N PRO B 18 5.84 -27.90 14.12
CA PRO B 18 4.72 -28.71 13.65
C PRO B 18 3.41 -27.91 13.49
N LYS B 19 3.34 -26.70 14.03
CA LYS B 19 2.16 -25.83 13.92
C LYS B 19 2.27 -24.92 12.67
N LEU B 20 3.23 -25.18 11.76
CA LEU B 20 3.32 -24.51 10.43
C LEU B 20 3.05 -25.54 9.33
N LEU B 21 2.19 -25.19 8.38
CA LEU B 21 1.94 -25.96 7.14
C LEU B 21 2.61 -25.25 5.98
N LEU B 22 3.59 -25.90 5.33
CA LEU B 22 4.30 -25.40 4.12
C LEU B 22 3.54 -25.84 2.88
N SER B 23 3.53 -25.03 1.82
CA SER B 23 3.01 -25.38 0.49
C SER B 23 3.92 -26.44 -0.15
N GLU B 24 3.40 -27.20 -1.10
CA GLU B 24 4.14 -28.22 -1.87
C GLU B 24 5.40 -27.58 -2.48
N ASP B 25 5.30 -26.32 -2.95
CA ASP B 25 6.41 -25.64 -3.67
C ASP B 25 7.39 -25.01 -2.66
N HIS B 26 7.12 -25.08 -1.36
CA HIS B 26 7.98 -24.52 -0.25
C HIS B 26 8.15 -23.00 -0.37
N GLN B 27 7.19 -22.30 -1.00
CA GLN B 27 7.20 -20.83 -1.22
C GLN B 27 6.27 -20.13 -0.21
N ARG B 28 5.40 -20.87 0.46
CA ARG B 28 4.34 -20.31 1.35
C ARG B 28 4.24 -21.15 2.62
N ALA B 29 3.82 -20.54 3.72
CA ALA B 29 3.49 -21.20 5.00
C ALA B 29 2.21 -20.61 5.59
N GLN B 30 1.41 -21.43 6.29
CA GLN B 30 0.28 -20.94 7.11
C GLN B 30 0.28 -21.61 8.48
N PHE B 31 -0.23 -20.93 9.48
CA PHE B 31 -0.43 -21.46 10.83
C PHE B 31 -1.53 -22.51 10.75
N SER B 32 -1.24 -23.73 11.17
CA SER B 32 -2.21 -24.85 11.16
C SER B 32 -2.91 -24.95 12.53
N TYR B 33 -4.20 -25.18 12.54
CA TYR B 33 -5.00 -25.56 13.73
C TYR B 33 -4.43 -26.86 14.33
N LYS B 34 -3.85 -27.70 13.48
CA LYS B 34 -3.43 -29.09 13.76
C LYS B 34 -1.92 -29.13 14.02
N TRP B 35 -1.49 -29.94 14.99
CA TRP B 35 -0.08 -30.42 15.10
C TRP B 35 0.22 -31.33 13.90
N GLN B 36 1.11 -30.90 13.00
CA GLN B 36 1.51 -31.66 11.79
C GLN B 36 2.38 -32.84 12.23
N ASN B 37 2.31 -33.95 11.48
CA ASN B 37 3.04 -35.21 11.74
C ASN B 37 4.51 -35.03 11.31
N SER B 38 5.15 -33.96 11.78
CA SER B 38 6.51 -33.52 11.37
C SER B 38 7.55 -34.45 12.00
N PRO B 39 8.39 -35.15 11.18
CA PRO B 39 9.52 -35.91 11.72
C PRO B 39 10.33 -35.09 12.75
N ASP B 40 10.44 -35.57 13.99
CA ASP B 40 11.02 -34.82 15.15
C ASP B 40 12.55 -34.95 15.11
N ASN B 41 13.23 -33.99 14.48
CA ASN B 41 14.70 -34.05 14.26
C ASN B 41 15.36 -32.82 14.90
N PRO B 42 16.67 -32.85 15.17
CA PRO B 42 17.37 -31.74 15.84
C PRO B 42 17.32 -30.37 15.13
N GLN B 43 17.01 -30.31 13.85
CA GLN B 43 16.91 -29.03 13.08
C GLN B 43 15.55 -28.34 13.35
N ARG B 44 14.55 -29.07 13.87
CA ARG B 44 13.15 -28.57 13.95
C ARG B 44 12.95 -27.75 15.23
N PHE B 45 12.43 -26.53 15.08
CA PHE B 45 11.91 -25.70 16.20
C PHE B 45 10.79 -26.49 16.90
N ASP B 46 10.80 -26.57 18.23
CA ASP B 46 9.77 -27.31 19.00
C ASP B 46 8.89 -26.36 19.82
N ARG B 47 9.32 -25.11 20.05
CA ARG B 47 8.48 -24.10 20.79
C ARG B 47 8.21 -22.88 19.90
N ALA B 48 9.25 -22.26 19.37
CA ALA B 48 9.15 -21.12 18.43
C ALA B 48 8.46 -21.60 17.16
N THR B 49 7.34 -21.00 16.80
CA THR B 49 6.49 -21.40 15.63
C THR B 49 7.12 -20.80 14.36
N CYS B 50 8.30 -21.33 13.99
CA CYS B 50 9.25 -20.73 13.03
C CYS B 50 9.72 -21.78 12.02
N VAL B 51 10.34 -21.32 10.95
CA VAL B 51 10.87 -22.15 9.84
C VAL B 51 12.05 -21.39 9.26
N LEU B 52 13.06 -22.11 8.80
CA LEU B 52 14.23 -21.54 8.09
C LEU B 52 14.12 -21.89 6.60
N ALA B 53 14.76 -21.07 5.78
CA ALA B 53 15.14 -21.40 4.41
C ALA B 53 16.11 -22.61 4.41
N HIS B 54 16.21 -23.30 3.28
CA HIS B 54 17.16 -24.42 3.03
C HIS B 54 18.62 -23.91 2.92
N THR B 55 18.82 -22.81 2.21
CA THR B 55 20.15 -22.26 1.83
C THR B 55 20.50 -21.08 2.74
N GLY B 56 21.66 -21.12 3.38
CA GLY B 56 22.22 -19.98 4.12
C GLY B 56 23.04 -19.05 3.23
N ILE B 57 23.46 -17.91 3.77
CA ILE B 57 24.32 -16.87 3.14
C ILE B 57 25.63 -16.79 3.92
N THR B 58 26.77 -16.72 3.24
CA THR B 58 28.10 -16.53 3.89
C THR B 58 28.83 -15.32 3.31
N GLY B 59 28.18 -14.55 2.43
CA GLY B 59 28.75 -13.28 1.92
C GLY B 59 27.81 -12.53 1.02
N GLY B 60 28.22 -11.35 0.58
CA GLY B 60 27.52 -10.52 -0.41
C GLY B 60 26.27 -9.82 0.14
N ARG B 61 25.44 -9.37 -0.78
CA ARG B 61 24.19 -8.61 -0.57
C ARG B 61 23.05 -9.43 -1.15
N HIS B 62 22.01 -9.70 -0.36
CA HIS B 62 20.86 -10.55 -0.74
C HIS B 62 19.57 -9.93 -0.25
N THR B 63 18.49 -10.11 -1.01
CA THR B 63 17.18 -9.50 -0.76
C THR B 63 16.09 -10.47 -1.19
N TRP B 64 15.02 -10.51 -0.40
CA TRP B 64 13.80 -11.29 -0.66
C TRP B 64 12.61 -10.53 -0.08
N VAL B 65 11.43 -10.83 -0.59
CA VAL B 65 10.15 -10.18 -0.20
C VAL B 65 9.24 -11.25 0.44
N VAL B 66 8.67 -10.93 1.58
CA VAL B 66 7.63 -11.74 2.26
C VAL B 66 6.30 -11.00 2.14
N SER B 67 5.33 -11.56 1.44
CA SER B 67 3.91 -11.13 1.49
C SER B 67 3.22 -11.80 2.70
N ILE B 68 2.53 -11.01 3.52
CA ILE B 68 2.02 -11.40 4.84
C ILE B 68 0.52 -11.20 4.86
N ASP B 69 -0.22 -12.23 5.23
CA ASP B 69 -1.68 -12.15 5.47
C ASP B 69 -1.96 -12.55 6.92
N LEU B 70 -2.41 -11.59 7.73
CA LEU B 70 -2.84 -11.82 9.15
C LEU B 70 -4.36 -11.64 9.20
N ALA B 71 -5.13 -12.71 9.08
CA ALA B 71 -6.61 -12.67 8.91
C ALA B 71 -7.31 -12.13 10.18
N HIS B 72 -6.89 -12.60 11.36
CA HIS B 72 -7.63 -12.46 12.63
C HIS B 72 -6.65 -12.34 13.80
N GLY B 73 -5.92 -11.23 13.88
CA GLY B 73 -5.07 -10.88 15.04
C GLY B 73 -3.84 -11.79 15.15
N GLY B 74 -3.44 -12.47 14.06
CA GLY B 74 -2.20 -13.23 13.99
C GLY B 74 -0.97 -12.33 13.99
N SER B 75 0.20 -12.95 13.98
CA SER B 75 1.50 -12.28 13.86
C SER B 75 2.39 -13.07 12.90
N CYS B 76 3.37 -12.37 12.32
CA CYS B 76 4.36 -12.90 11.37
C CYS B 76 5.70 -12.28 11.72
N THR B 77 6.73 -13.09 11.79
CA THR B 77 8.10 -12.71 12.10
C THR B 77 8.98 -13.02 10.87
N VAL B 78 9.81 -12.06 10.48
CA VAL B 78 10.77 -12.17 9.34
C VAL B 78 12.13 -11.62 9.78
N GLY B 79 13.20 -12.26 9.36
CA GLY B 79 14.56 -11.81 9.59
C GLY B 79 15.55 -12.85 9.14
N VAL B 80 16.66 -12.97 9.86
CA VAL B 80 17.77 -13.90 9.57
C VAL B 80 18.27 -14.40 10.93
N VAL B 81 18.81 -15.60 10.95
CA VAL B 81 19.40 -16.22 12.17
C VAL B 81 20.80 -16.70 11.81
N SER B 82 21.71 -16.66 12.76
CA SER B 82 22.94 -17.47 12.77
C SER B 82 22.53 -18.95 12.73
N GLU B 83 23.22 -19.75 11.92
CA GLU B 83 22.82 -21.16 11.63
C GLU B 83 22.88 -22.00 12.91
N ASP B 84 23.60 -21.54 13.93
CA ASP B 84 23.70 -22.24 15.24
C ASP B 84 22.72 -21.61 16.25
N VAL B 85 21.67 -20.94 15.77
CA VAL B 85 20.52 -20.48 16.60
C VAL B 85 19.95 -21.68 17.37
N GLN B 86 19.58 -21.46 18.63
CA GLN B 86 18.87 -22.46 19.47
C GLN B 86 17.50 -22.76 18.85
N ARG B 87 17.23 -24.03 18.55
CA ARG B 87 15.97 -24.50 17.93
C ARG B 87 15.03 -25.03 19.03
N LYS B 88 15.61 -25.79 19.98
CA LYS B 88 14.90 -26.55 21.03
C LYS B 88 14.71 -25.65 22.26
N GLY B 89 13.51 -25.63 22.82
CA GLY B 89 13.20 -24.94 24.08
C GLY B 89 12.79 -23.51 23.86
N GLU B 90 12.61 -22.76 24.94
CA GLU B 90 12.18 -21.34 24.93
C GLU B 90 13.32 -20.48 24.36
N LEU B 91 13.22 -20.13 23.09
CA LEU B 91 14.16 -19.22 22.40
C LEU B 91 13.69 -17.78 22.60
N ARG B 92 14.58 -16.88 22.99
CA ARG B 92 14.35 -15.41 22.96
C ARG B 92 14.85 -14.89 21.61
N LEU B 93 13.96 -14.32 20.80
CA LEU B 93 14.32 -13.74 19.49
C LEU B 93 14.97 -12.37 19.71
N ARG B 94 16.29 -12.34 19.75
CA ARG B 94 17.09 -11.12 19.96
C ARG B 94 18.49 -11.33 19.39
N PRO B 95 19.15 -10.23 19.00
CA PRO B 95 20.49 -10.29 18.42
C PRO B 95 21.47 -11.13 19.28
N GLU B 96 21.47 -10.92 20.60
CA GLU B 96 22.38 -11.63 21.55
C GLU B 96 22.33 -13.14 21.30
N GLU B 97 21.16 -13.68 20.87
CA GLU B 97 20.95 -15.14 20.66
C GLU B 97 20.89 -15.46 19.15
N GLY B 98 21.46 -14.59 18.32
CA GLY B 98 21.65 -14.83 16.87
C GLY B 98 20.35 -14.73 16.09
N VAL B 99 19.42 -13.86 16.53
CA VAL B 99 18.16 -13.57 15.79
C VAL B 99 18.10 -12.08 15.48
N TRP B 100 17.93 -11.74 14.20
CA TRP B 100 17.72 -10.35 13.71
C TRP B 100 16.40 -10.34 12.92
N ALA B 101 15.31 -9.88 13.54
CA ALA B 101 13.94 -10.09 13.03
C ALA B 101 13.02 -8.94 13.42
N VAL B 102 12.00 -8.75 12.61
CA VAL B 102 10.86 -7.87 12.91
C VAL B 102 9.60 -8.73 13.11
N ARG B 103 8.71 -8.35 14.01
CA ARG B 103 7.38 -8.96 14.21
C ARG B 103 6.30 -8.00 13.72
N LEU B 104 5.43 -8.49 12.85
CA LEU B 104 4.22 -7.77 12.42
C LEU B 104 2.99 -8.45 13.03
N ALA B 105 2.21 -7.69 13.76
CA ALA B 105 0.79 -7.95 14.07
C ALA B 105 -0.02 -6.75 13.55
N TRP B 106 -1.35 -6.84 13.60
CA TRP B 106 -2.25 -5.78 13.12
C TRP B 106 -2.00 -4.49 13.90
N GLY B 107 -1.60 -3.43 13.16
CA GLY B 107 -1.36 -2.08 13.68
C GLY B 107 -0.13 -2.00 14.57
N PHE B 108 0.73 -2.99 14.50
CA PHE B 108 1.77 -3.26 15.52
C PHE B 108 2.97 -3.98 14.86
N VAL B 109 4.01 -3.23 14.57
CA VAL B 109 5.31 -3.75 14.04
C VAL B 109 6.40 -3.40 15.03
N SER B 110 7.23 -4.36 15.40
CA SER B 110 8.32 -4.16 16.36
C SER B 110 9.59 -4.86 15.88
N ALA B 111 10.74 -4.20 16.06
CA ALA B 111 12.06 -4.84 16.01
C ALA B 111 12.23 -5.66 17.29
N LEU B 112 12.57 -6.95 17.15
CA LEU B 112 12.77 -7.87 18.30
C LEU B 112 14.16 -7.68 18.88
N GLY B 113 14.22 -7.46 20.19
CA GLY B 113 15.42 -7.53 21.03
C GLY B 113 15.01 -7.61 22.50
N SER B 114 15.99 -7.70 23.40
CA SER B 114 15.79 -7.67 24.87
C SER B 114 14.66 -6.68 25.19
N PHE B 115 14.66 -5.52 24.52
CA PHE B 115 13.66 -4.44 24.66
C PHE B 115 13.02 -4.16 23.32
N PRO B 116 11.98 -4.91 22.91
CA PRO B 116 11.42 -4.76 21.58
C PRO B 116 11.01 -3.29 21.35
N THR B 117 11.19 -2.81 20.13
CA THR B 117 11.02 -1.38 19.74
C THR B 117 9.81 -1.28 18.84
N ARG B 118 8.77 -0.61 19.29
CA ARG B 118 7.57 -0.43 18.46
C ARG B 118 7.86 0.62 17.42
N LEU B 119 7.52 0.34 16.18
CA LEU B 119 7.79 1.22 15.03
C LEU B 119 6.45 1.80 14.56
N THR B 120 6.41 3.11 14.33
CA THR B 120 5.26 3.81 13.73
C THR B 120 5.57 3.98 12.25
N LEU B 121 4.77 3.34 11.43
CA LEU B 121 4.83 3.39 9.96
C LEU B 121 3.59 4.16 9.48
N LYS B 122 3.59 4.57 8.23
CA LYS B 122 2.41 5.20 7.61
C LYS B 122 1.28 4.17 7.50
N GLU B 123 1.61 2.91 7.19
CA GLU B 123 0.61 1.79 7.07
C GLU B 123 1.26 0.47 7.40
N GLN B 124 0.39 -0.52 7.61
CA GLN B 124 0.71 -1.94 7.79
C GLN B 124 1.36 -2.45 6.50
N PRO B 125 2.63 -2.86 6.53
CA PRO B 125 3.27 -3.48 5.37
C PRO B 125 2.59 -4.80 4.98
N ARG B 126 2.12 -4.91 3.76
CA ARG B 126 1.58 -6.16 3.17
C ARG B 126 2.78 -7.01 2.67
N GLN B 127 3.80 -6.35 2.11
CA GLN B 127 5.04 -6.99 1.63
C GLN B 127 6.20 -6.39 2.36
N VAL B 128 7.03 -7.22 2.96
CA VAL B 128 8.27 -6.79 3.67
C VAL B 128 9.48 -7.27 2.86
N ARG B 129 10.32 -6.34 2.41
CA ARG B 129 11.66 -6.65 1.83
C ARG B 129 12.67 -6.73 2.96
N VAL B 130 13.37 -7.87 3.02
CA VAL B 130 14.63 -8.04 3.81
C VAL B 130 15.79 -7.87 2.85
N SER B 131 16.69 -6.94 3.16
CA SER B 131 17.93 -6.69 2.40
C SER B 131 19.11 -6.94 3.31
N LEU B 132 19.84 -8.01 3.07
CA LEU B 132 20.95 -8.43 3.93
C LEU B 132 22.27 -8.07 3.25
N ASP B 133 23.09 -7.28 3.93
CA ASP B 133 24.52 -7.04 3.57
C ASP B 133 25.39 -7.81 4.56
N TYR B 134 25.86 -9.00 4.16
CA TYR B 134 26.68 -9.89 5.01
C TYR B 134 28.05 -9.22 5.27
N GLU B 135 28.56 -8.48 4.31
CA GLU B 135 29.94 -7.95 4.30
C GLU B 135 30.10 -6.87 5.37
N VAL B 136 29.10 -6.00 5.48
CA VAL B 136 29.10 -4.87 6.45
C VAL B 136 28.42 -5.33 7.75
N GLY B 137 27.32 -6.09 7.66
CA GLY B 137 26.51 -6.53 8.81
C GLY B 137 25.19 -5.75 8.95
N TRP B 138 24.50 -5.45 7.86
CA TRP B 138 23.18 -4.76 7.88
C TRP B 138 22.09 -5.80 7.62
N VAL B 139 21.04 -5.78 8.44
CA VAL B 139 19.72 -6.38 8.10
C VAL B 139 18.70 -5.26 8.03
N THR B 140 18.26 -4.92 6.83
CA THR B 140 17.36 -3.79 6.55
C THR B 140 16.00 -4.33 6.19
N PHE B 141 14.97 -3.77 6.79
CA PHE B 141 13.57 -4.11 6.53
C PHE B 141 12.89 -2.87 5.97
N THR B 142 12.18 -3.04 4.87
CA THR B 142 11.39 -2.00 4.22
C THR B 142 10.03 -2.59 3.79
N ASN B 143 9.04 -1.73 3.64
CA ASN B 143 7.82 -1.99 2.84
C ASN B 143 8.26 -2.14 1.38
N ALA B 144 8.16 -3.34 0.83
CA ALA B 144 8.70 -3.72 -0.48
C ALA B 144 8.00 -2.95 -1.59
N VAL B 145 6.76 -2.47 -1.36
CA VAL B 145 5.96 -1.77 -2.38
C VAL B 145 6.33 -0.28 -2.37
N THR B 146 6.37 0.33 -1.19
CA THR B 146 6.50 1.81 -1.06
C THR B 146 7.94 2.20 -0.75
N ARG B 147 8.77 1.26 -0.31
CA ARG B 147 10.19 1.51 0.09
C ARG B 147 10.23 2.25 1.43
N GLU B 148 9.11 2.39 2.13
CA GLU B 148 9.06 2.98 3.49
C GLU B 148 10.04 2.22 4.39
N PRO B 149 11.00 2.91 5.02
CA PRO B 149 11.94 2.27 5.92
C PRO B 149 11.19 1.69 7.14
N ILE B 150 11.59 0.49 7.58
CA ILE B 150 11.00 -0.15 8.80
C ILE B 150 12.05 -0.17 9.91
N TYR B 151 13.19 -0.80 9.68
CA TYR B 151 14.23 -0.99 10.69
C TYR B 151 15.51 -1.47 10.02
N THR B 152 16.64 -1.16 10.65
CA THR B 152 17.99 -1.68 10.30
C THR B 152 18.70 -2.13 11.56
N PHE B 153 19.08 -3.40 11.62
CA PHE B 153 20.02 -3.94 12.61
C PHE B 153 21.45 -3.79 12.11
N THR B 154 22.36 -3.49 13.02
CA THR B 154 23.81 -3.63 12.84
C THR B 154 24.29 -4.89 13.54
N ALA B 155 24.94 -5.77 12.81
CA ALA B 155 25.30 -7.13 13.26
C ALA B 155 26.75 -7.37 12.94
N SER B 156 27.43 -8.15 13.77
CA SER B 156 28.72 -8.78 13.42
C SER B 156 28.47 -10.28 13.22
N PHE B 157 28.47 -10.72 11.97
CA PHE B 157 28.23 -12.13 11.59
C PHE B 157 29.54 -12.90 11.79
N THR B 158 29.49 -13.95 12.60
CA THR B 158 30.60 -14.88 12.89
C THR B 158 30.26 -16.26 12.32
N ARG B 159 29.07 -16.46 11.66
CA ARG B 159 28.54 -17.76 11.19
C ARG B 159 27.79 -17.52 9.88
N LYS B 160 27.47 -18.58 9.16
CA LYS B 160 26.45 -18.57 8.11
C LYS B 160 25.15 -18.00 8.69
N VAL B 161 24.38 -17.24 7.91
CA VAL B 161 23.06 -16.71 8.33
C VAL B 161 21.99 -17.29 7.40
N ILE B 162 20.85 -17.59 7.97
CA ILE B 162 19.75 -18.27 7.24
C ILE B 162 18.49 -17.42 7.33
N PRO B 163 17.83 -17.14 6.21
CA PRO B 163 16.55 -16.44 6.25
C PRO B 163 15.61 -17.15 7.22
N PHE B 164 14.89 -16.36 8.02
CA PHE B 164 14.11 -16.81 9.21
C PHE B 164 12.68 -16.27 9.08
N PHE B 165 11.70 -17.10 9.44
CA PHE B 165 10.24 -16.81 9.32
C PHE B 165 9.51 -17.44 10.48
N GLY B 166 8.45 -16.79 10.94
CA GLY B 166 7.56 -17.28 11.99
C GLY B 166 6.15 -16.80 11.78
N LEU B 167 5.17 -17.63 12.16
CA LEU B 167 3.73 -17.29 12.19
C LEU B 167 3.15 -17.70 13.55
N TRP B 168 2.17 -16.96 14.03
CA TRP B 168 1.37 -17.27 15.22
C TRP B 168 -0.10 -16.92 14.94
N GLY B 169 -1.02 -17.83 15.30
CA GLY B 169 -2.47 -17.59 15.23
C GLY B 169 -3.04 -18.08 13.92
N ARG B 170 -4.19 -18.76 14.00
CA ARG B 170 -4.93 -19.28 12.83
C ARG B 170 -5.27 -18.13 11.87
N GLY B 171 -5.25 -18.43 10.56
CA GLY B 171 -5.52 -17.46 9.49
C GLY B 171 -4.30 -16.59 9.18
N SER B 172 -3.15 -16.90 9.76
CA SER B 172 -1.90 -16.17 9.50
C SER B 172 -1.08 -16.96 8.47
N SER B 173 -0.51 -16.28 7.48
CA SER B 173 0.26 -16.92 6.39
C SER B 173 1.23 -15.93 5.74
N PHE B 174 2.17 -16.43 4.98
CA PHE B 174 3.16 -15.61 4.22
C PHE B 174 3.55 -16.35 2.96
N SER B 175 3.98 -15.61 1.95
CA SER B 175 4.47 -16.15 0.65
C SER B 175 5.75 -15.42 0.27
N LEU B 176 6.64 -16.10 -0.44
CA LEU B 176 7.97 -15.59 -0.84
C LEU B 176 7.92 -15.07 -2.27
N SER B 177 8.69 -14.01 -2.54
CA SER B 177 9.21 -13.57 -3.87
C SER B 177 10.53 -12.79 -3.63
N SER B 178 11.02 -11.95 -4.56
CA SER B 178 12.30 -11.20 -4.37
C SER B 178 12.34 -9.89 -5.19
N ASP C 3 -4.66 22.13 -4.45
CA ASP C 3 -3.34 22.19 -3.77
C ASP C 3 -3.21 21.01 -2.80
N TYR C 4 -4.32 20.65 -2.12
CA TYR C 4 -4.41 19.48 -1.21
C TYR C 4 -4.46 18.20 -2.06
N GLU C 5 -3.69 17.18 -1.65
CA GLU C 5 -3.44 15.94 -2.41
C GLU C 5 -4.64 14.99 -2.29
N PRO C 6 -5.35 14.71 -3.42
CA PRO C 6 -6.40 13.71 -3.42
C PRO C 6 -5.87 12.42 -2.80
N ALA C 7 -6.60 11.89 -1.82
CA ALA C 7 -6.23 10.67 -1.09
C ALA C 7 -7.00 9.49 -1.66
N HIS C 8 -6.34 8.34 -1.82
CA HIS C 8 -7.00 7.02 -1.75
C HIS C 8 -7.12 6.64 -0.28
N ILE C 9 -8.34 6.55 0.20
CA ILE C 9 -8.66 6.06 1.55
C ILE C 9 -9.37 4.74 1.38
N SER C 10 -8.98 3.74 2.15
CA SER C 10 -9.75 2.50 2.35
C SER C 10 -10.03 2.34 3.84
N LEU C 11 -11.29 2.17 4.21
CA LEU C 11 -11.69 1.89 5.60
C LEU C 11 -11.09 0.54 5.99
N ASP C 12 -10.42 0.48 7.14
CA ASP C 12 -9.72 -0.70 7.66
C ASP C 12 -10.73 -1.60 8.41
N PRO C 13 -11.08 -2.80 7.86
CA PRO C 13 -12.07 -3.68 8.49
C PRO C 13 -11.63 -4.30 9.82
N GLN C 14 -10.37 -4.09 10.23
CA GLN C 14 -9.80 -4.53 11.53
C GLN C 14 -10.28 -3.62 12.67
N THR C 15 -10.65 -2.37 12.35
CA THR C 15 -10.86 -1.28 13.34
C THR C 15 -12.38 -1.09 13.59
N SER C 16 -13.23 -1.45 12.64
CA SER C 16 -14.67 -1.05 12.60
C SER C 16 -15.43 -1.70 13.75
N HIS C 17 -16.16 -0.91 14.54
CA HIS C 17 -17.15 -1.42 15.53
C HIS C 17 -18.01 -2.48 14.87
N PRO C 18 -18.38 -3.57 15.58
CA PRO C 18 -19.25 -4.63 15.02
C PRO C 18 -20.61 -4.13 14.47
N LYS C 19 -21.02 -2.93 14.85
CA LYS C 19 -22.29 -2.33 14.39
C LYS C 19 -22.08 -1.54 13.07
N LEU C 20 -20.88 -1.60 12.47
CA LEU C 20 -20.60 -1.01 11.13
C LEU C 20 -20.41 -2.13 10.10
N LEU C 21 -21.13 -2.03 8.98
CA LEU C 21 -20.95 -2.85 7.77
C LEU C 21 -20.16 -2.04 6.74
N LEU C 22 -18.96 -2.50 6.37
CA LEU C 22 -18.12 -1.91 5.30
C LEU C 22 -18.49 -2.58 3.98
N SER C 23 -18.46 -1.82 2.88
CA SER C 23 -18.57 -2.33 1.49
C SER C 23 -17.33 -3.18 1.17
N GLU C 24 -17.44 -4.09 0.21
CA GLU C 24 -16.31 -4.94 -0.24
C GLU C 24 -15.12 -4.05 -0.63
N ASP C 25 -15.39 -2.88 -1.23
CA ASP C 25 -14.33 -1.98 -1.78
C ASP C 25 -13.76 -1.09 -0.65
N HIS C 26 -14.32 -1.16 0.57
CA HIS C 26 -13.86 -0.40 1.78
C HIS C 26 -14.03 1.12 1.57
N GLN C 27 -14.96 1.53 0.70
CA GLN C 27 -15.22 2.96 0.36
C GLN C 27 -16.44 3.49 1.12
N ARG C 28 -17.29 2.61 1.64
CA ARG C 28 -18.53 3.05 2.34
C ARG C 28 -18.78 2.19 3.56
N ALA C 29 -19.51 2.76 4.52
CA ALA C 29 -19.97 2.10 5.75
C ALA C 29 -21.44 2.42 6.00
N GLN C 30 -22.16 1.48 6.59
CA GLN C 30 -23.57 1.63 7.02
C GLN C 30 -23.68 1.13 8.48
N PHE C 31 -24.44 1.81 9.32
CA PHE C 31 -24.85 1.31 10.64
C PHE C 31 -25.80 0.14 10.42
N SER C 32 -25.43 -1.06 10.87
CA SER C 32 -26.14 -2.32 10.54
C SER C 32 -27.05 -2.68 11.70
N TYR C 33 -28.28 -3.07 11.41
CA TYR C 33 -29.25 -3.55 12.41
C TYR C 33 -28.76 -4.88 12.98
N LYS C 34 -27.90 -5.62 12.24
CA LYS C 34 -27.37 -6.94 12.70
C LYS C 34 -25.89 -6.79 13.09
N TRP C 35 -25.51 -7.39 14.22
CA TRP C 35 -24.15 -7.39 14.81
C TRP C 35 -23.20 -8.17 13.88
N GLN C 36 -22.22 -7.49 13.29
CA GLN C 36 -21.39 -8.03 12.17
C GLN C 36 -20.39 -9.06 12.71
N ASN C 37 -19.96 -9.97 11.84
CA ASN C 37 -18.81 -10.90 12.04
C ASN C 37 -17.51 -10.08 12.10
N SER C 38 -17.36 -9.31 13.16
CA SER C 38 -16.17 -8.47 13.44
C SER C 38 -15.45 -9.01 14.68
N PRO C 39 -14.60 -10.06 14.51
CA PRO C 39 -13.80 -10.60 15.61
C PRO C 39 -13.09 -9.48 16.40
N ASP C 40 -13.33 -9.39 17.71
CA ASP C 40 -12.81 -8.30 18.60
C ASP C 40 -11.30 -8.49 18.85
N ASN C 41 -10.49 -7.92 17.96
CA ASN C 41 -9.02 -7.80 18.05
C ASN C 41 -8.69 -6.44 18.68
N PRO C 42 -7.45 -6.23 19.19
CA PRO C 42 -7.08 -4.98 19.86
C PRO C 42 -7.24 -3.66 19.07
N GLN C 43 -7.29 -3.72 17.74
CA GLN C 43 -7.44 -2.53 16.86
C GLN C 43 -8.90 -2.08 16.78
N ARG C 44 -9.84 -2.97 17.12
CA ARG C 44 -11.29 -2.73 16.86
C ARG C 44 -11.91 -1.90 17.99
N PHE C 45 -12.60 -0.82 17.64
CA PHE C 45 -13.51 -0.08 18.54
C PHE C 45 -14.56 -1.05 19.08
N ASP C 46 -14.81 -1.04 20.40
CA ASP C 46 -15.77 -1.97 21.05
C ASP C 46 -17.01 -1.20 21.58
N ARG C 47 -16.94 0.11 21.78
CA ARG C 47 -18.11 0.93 22.25
C ARG C 47 -18.42 2.05 21.24
N ALA C 48 -17.41 2.87 20.91
CA ALA C 48 -17.52 3.93 19.87
C ALA C 48 -17.82 3.28 18.51
N THR C 49 -18.93 3.62 17.88
CA THR C 49 -19.39 3.02 16.59
C THR C 49 -18.61 3.71 15.46
N CYS C 50 -17.31 3.42 15.39
CA CYS C 50 -16.30 4.16 14.61
C CYS C 50 -15.43 3.19 13.79
N VAL C 51 -14.66 3.73 12.86
CA VAL C 51 -13.76 2.98 11.94
C VAL C 51 -12.63 3.93 11.52
N LEU C 52 -11.42 3.39 11.38
CA LEU C 52 -10.23 4.12 10.87
C LEU C 52 -9.94 3.72 9.43
N ALA C 53 -9.32 4.61 8.68
CA ALA C 53 -8.67 4.34 7.41
C ALA C 53 -7.45 3.43 7.65
N HIS C 54 -7.00 2.73 6.59
CA HIS C 54 -5.82 1.82 6.59
C HIS C 54 -4.52 2.63 6.69
N THR C 55 -4.41 3.75 5.94
CA THR C 55 -3.18 4.57 5.84
C THR C 55 -3.28 5.78 6.79
N GLY C 56 -2.28 5.93 7.66
CA GLY C 56 -2.10 7.12 8.53
C GLY C 56 -1.30 8.17 7.82
N ILE C 57 -1.20 9.36 8.39
CA ILE C 57 -0.44 10.52 7.84
C ILE C 57 0.68 10.84 8.83
N THR C 58 1.91 11.02 8.35
CA THR C 58 3.08 11.42 9.17
C THR C 58 3.74 12.65 8.56
N GLY C 59 3.16 13.20 7.49
CA GLY C 59 3.62 14.43 6.84
C GLY C 59 2.71 14.83 5.70
N GLY C 60 2.99 15.98 5.09
CA GLY C 60 2.31 16.46 3.88
C GLY C 60 0.91 17.00 4.12
N ARG C 61 0.20 17.21 3.02
CA ARG C 61 -1.17 17.77 2.91
C ARG C 61 -2.06 16.72 2.25
N HIS C 62 -3.21 16.45 2.84
CA HIS C 62 -4.15 15.42 2.36
C HIS C 62 -5.57 15.98 2.46
N THR C 63 -6.46 15.53 1.57
CA THR C 63 -7.89 15.89 1.59
C THR C 63 -8.71 14.70 1.12
N TRP C 64 -9.87 14.52 1.72
CA TRP C 64 -10.89 13.54 1.33
C TRP C 64 -12.28 14.12 1.57
N VAL C 65 -13.26 13.58 0.88
CA VAL C 65 -14.69 13.98 0.99
C VAL C 65 -15.47 12.80 1.56
N VAL C 66 -16.32 13.07 2.54
CA VAL C 66 -17.30 12.10 3.13
C VAL C 66 -18.70 12.53 2.68
N SER C 67 -19.34 11.72 1.85
CA SER C 67 -20.78 11.86 1.47
C SER C 67 -21.63 11.13 2.51
N ILE C 68 -22.60 11.82 3.10
CA ILE C 68 -23.29 11.35 4.35
C ILE C 68 -24.78 11.24 4.08
N ASP C 69 -25.36 10.10 4.39
CA ASP C 69 -26.83 9.86 4.36
C ASP C 69 -27.28 9.47 5.77
N LEU C 70 -28.05 10.32 6.43
CA LEU C 70 -28.58 10.15 7.80
C LEU C 70 -30.08 9.86 7.73
N ALA C 71 -30.49 8.63 7.98
CA ALA C 71 -31.85 8.13 7.66
C ALA C 71 -32.93 8.81 8.52
N HIS C 72 -32.79 8.79 9.84
CA HIS C 72 -33.90 9.04 10.81
C HIS C 72 -33.36 9.63 12.10
N GLY C 73 -32.84 10.86 12.06
CA GLY C 73 -32.18 11.51 13.20
C GLY C 73 -30.86 10.83 13.57
N GLY C 74 -30.24 10.10 12.62
CA GLY C 74 -28.89 9.52 12.76
C GLY C 74 -27.82 10.60 12.78
N SER C 75 -26.57 10.23 13.05
CA SER C 75 -25.42 11.15 13.13
C SER C 75 -24.21 10.53 12.46
N CYS C 76 -23.28 11.37 12.06
CA CYS C 76 -21.99 10.99 11.44
C CYS C 76 -20.90 11.83 12.06
N THR C 77 -19.81 11.20 12.46
CA THR C 77 -18.61 11.88 12.99
C THR C 77 -17.46 11.66 12.00
N VAL C 78 -16.74 12.75 11.67
CA VAL C 78 -15.60 12.75 10.68
C VAL C 78 -14.46 13.58 11.27
N GLY C 79 -13.21 13.18 10.97
CA GLY C 79 -12.00 13.84 11.48
C GLY C 79 -10.81 12.92 11.39
N VAL C 80 -9.88 13.05 12.34
CA VAL C 80 -8.60 12.30 12.39
C VAL C 80 -8.31 12.00 13.85
N VAL C 81 -7.61 10.92 14.11
CA VAL C 81 -7.17 10.51 15.48
C VAL C 81 -5.66 10.25 15.46
N SER C 82 -4.98 10.51 16.58
CA SER C 82 -3.63 10.03 16.87
C SER C 82 -3.64 8.49 16.88
N GLU C 83 -2.59 7.88 16.34
CA GLU C 83 -2.47 6.41 16.12
C GLU C 83 -2.66 5.65 17.44
N ASP C 84 -2.36 6.30 18.56
CA ASP C 84 -2.43 5.69 19.90
C ASP C 84 -3.72 6.19 20.60
N VAL C 85 -4.73 6.60 19.83
CA VAL C 85 -6.11 6.87 20.37
C VAL C 85 -6.59 5.59 21.08
N GLN C 86 -7.24 5.72 22.24
CA GLN C 86 -7.86 4.53 22.89
C GLN C 86 -9.08 4.11 22.08
N ARG C 87 -9.15 2.85 21.68
CA ARG C 87 -10.26 2.27 20.93
C ARG C 87 -11.18 1.46 21.84
N LYS C 88 -10.67 0.91 22.95
CA LYS C 88 -11.46 0.10 23.93
C LYS C 88 -12.09 1.03 24.97
N GLY C 89 -13.37 0.84 25.24
CA GLY C 89 -14.09 1.51 26.33
C GLY C 89 -14.73 2.80 25.87
N GLU C 90 -15.30 3.54 26.81
CA GLU C 90 -16.05 4.78 26.57
C GLU C 90 -15.04 5.86 26.20
N LEU C 91 -14.97 6.19 24.92
CA LEU C 91 -14.01 7.20 24.38
C LEU C 91 -14.67 8.59 24.44
N ARG C 92 -13.96 9.58 24.96
CA ARG C 92 -14.31 11.02 24.83
C ARG C 92 -13.60 11.56 23.61
N LEU C 93 -14.35 11.97 22.59
CA LEU C 93 -13.82 12.54 21.36
C LEU C 93 -13.40 13.99 21.62
N ARG C 94 -12.13 14.21 21.88
CA ARG C 94 -11.56 15.49 22.39
C ARG C 94 -10.12 15.61 21.90
N PRO C 95 -9.60 16.81 21.49
CA PRO C 95 -8.17 16.95 21.15
C PRO C 95 -7.24 16.38 22.23
N GLU C 96 -7.50 16.69 23.49
CA GLU C 96 -6.71 16.23 24.66
C GLU C 96 -6.48 14.71 24.59
N GLU C 97 -7.43 13.94 24.03
CA GLU C 97 -7.37 12.45 23.93
C GLU C 97 -7.08 12.02 22.46
N GLY C 98 -6.51 12.92 21.66
CA GLY C 98 -6.05 12.64 20.28
C GLY C 98 -7.20 12.44 19.30
N VAL C 99 -8.32 13.17 19.46
CA VAL C 99 -9.43 13.18 18.47
C VAL C 99 -9.67 14.61 18.00
N TRP C 100 -9.67 14.82 16.68
CA TRP C 100 -10.01 16.09 16.00
C TRP C 100 -11.14 15.81 14.99
N ALA C 101 -12.39 16.06 15.37
CA ALA C 101 -13.57 15.60 14.63
C ALA C 101 -14.72 16.61 14.72
N VAL C 102 -15.61 16.55 13.74
CA VAL C 102 -16.92 17.26 13.76
C VAL C 102 -18.03 16.19 13.81
N ARG C 103 -19.12 16.48 14.51
CA ARG C 103 -20.34 15.64 14.52
C ARG C 103 -21.45 16.33 13.73
N LEU C 104 -22.02 15.64 12.76
CA LEU C 104 -23.20 16.11 12.01
C LEU C 104 -24.41 15.21 12.32
N ALA C 105 -25.50 15.85 12.75
CA ALA C 105 -26.89 15.35 12.63
C ALA C 105 -27.69 16.39 11.84
N TRP C 106 -28.92 16.08 11.46
CA TRP C 106 -29.83 17.05 10.78
C TRP C 106 -30.09 18.25 11.69
N GLY C 107 -29.69 19.44 11.26
CA GLY C 107 -29.89 20.72 11.97
C GLY C 107 -28.98 20.86 13.18
N PHE C 108 -27.96 20.01 13.32
CA PHE C 108 -27.07 19.97 14.50
C PHE C 108 -25.67 19.57 14.09
N VAL C 109 -24.75 20.55 14.07
CA VAL C 109 -23.30 20.34 13.78
C VAL C 109 -22.49 20.90 14.95
N SER C 110 -21.55 20.13 15.46
CA SER C 110 -20.63 20.61 16.52
C SER C 110 -19.18 20.15 16.25
N ALA C 111 -18.22 20.99 16.58
CA ALA C 111 -16.81 20.64 16.74
C ALA C 111 -16.64 19.94 18.11
N LEU C 112 -16.11 18.73 18.12
CA LEU C 112 -15.88 17.94 19.37
C LEU C 112 -14.52 18.33 19.93
N GLY C 113 -14.47 18.82 21.17
CA GLY C 113 -13.42 19.76 21.64
C GLY C 113 -13.07 19.54 23.10
N SER C 114 -12.12 20.32 23.64
CA SER C 114 -11.84 20.39 25.11
C SER C 114 -13.17 20.27 25.88
N PHE C 115 -14.19 20.98 25.41
CA PHE C 115 -15.64 20.73 25.70
C PHE C 115 -16.38 20.93 24.39
N PRO C 116 -17.36 20.07 24.03
CA PRO C 116 -18.01 20.17 22.72
C PRO C 116 -18.58 21.59 22.54
N THR C 117 -18.50 22.16 21.34
CA THR C 117 -19.11 23.48 21.05
C THR C 117 -19.53 23.54 19.59
N ARG C 118 -20.60 24.28 19.35
CA ARG C 118 -21.51 24.20 18.19
C ARG C 118 -21.42 25.51 17.42
N LEU C 119 -21.51 25.47 16.09
CA LEU C 119 -21.97 26.64 15.29
C LEU C 119 -22.70 26.13 14.04
N THR C 120 -23.55 26.98 13.48
CA THR C 120 -24.55 26.63 12.45
C THR C 120 -24.14 27.25 11.12
N LEU C 121 -24.64 26.66 10.06
CA LEU C 121 -24.14 26.83 8.68
C LEU C 121 -25.26 27.39 7.83
N LYS C 122 -24.96 27.86 6.64
CA LYS C 122 -25.98 28.30 5.67
C LYS C 122 -26.80 27.08 5.20
N GLU C 123 -26.16 25.91 5.06
CA GLU C 123 -26.82 24.68 4.51
C GLU C 123 -26.42 23.45 5.33
N GLN C 124 -27.25 22.41 5.33
CA GLN C 124 -26.87 21.07 5.81
C GLN C 124 -25.84 20.50 4.84
N PRO C 125 -24.59 20.25 5.27
CA PRO C 125 -23.61 19.59 4.42
C PRO C 125 -24.02 18.14 4.08
N ARG C 126 -24.15 17.81 2.82
CA ARG C 126 -24.36 16.41 2.35
C ARG C 126 -22.97 15.79 2.09
N GLN C 127 -22.00 16.62 1.69
CA GLN C 127 -20.58 16.24 1.51
C GLN C 127 -19.73 17.12 2.40
N VAL C 128 -18.88 16.51 3.20
CA VAL C 128 -17.91 17.23 4.07
C VAL C 128 -16.51 16.94 3.54
N ARG C 129 -15.76 17.98 3.13
CA ARG C 129 -14.31 17.87 2.82
C ARG C 129 -13.51 18.05 4.11
N VAL C 130 -12.66 17.07 4.41
CA VAL C 130 -11.59 17.17 5.44
C VAL C 130 -10.29 17.45 4.71
N SER C 131 -9.59 18.49 5.09
CA SER C 131 -8.26 18.86 4.55
C SER C 131 -7.25 18.90 5.70
N LEU C 132 -6.27 18.01 5.67
CA LEU C 132 -5.27 17.90 6.75
C LEU C 132 -3.92 18.40 6.23
N ASP C 133 -3.34 19.40 6.92
CA ASP C 133 -1.94 19.82 6.72
C ASP C 133 -1.09 19.38 7.93
N TYR C 134 -0.37 18.27 7.81
CA TYR C 134 0.47 17.73 8.92
C TYR C 134 1.63 18.67 9.21
N GLU C 135 2.18 19.30 8.16
CA GLU C 135 3.42 20.11 8.24
C GLU C 135 3.18 21.35 9.09
N VAL C 136 2.02 22.00 8.92
CA VAL C 136 1.68 23.24 9.65
C VAL C 136 0.91 22.89 10.93
N GLY C 137 -0.02 21.92 10.87
CA GLY C 137 -0.85 21.44 12.01
C GLY C 137 -2.33 21.88 11.96
N TRP C 138 -3.04 21.56 10.86
CA TRP C 138 -4.42 22.04 10.53
C TRP C 138 -5.29 20.85 10.23
N VAL C 139 -6.52 20.84 10.77
CA VAL C 139 -7.64 19.99 10.31
C VAL C 139 -8.81 20.92 9.97
N THR C 140 -9.11 21.04 8.69
CA THR C 140 -10.15 21.93 8.15
C THR C 140 -11.33 21.11 7.65
N PHE C 141 -12.54 21.52 7.99
CA PHE C 141 -13.80 20.92 7.52
C PHE C 141 -14.55 22.00 6.74
N THR C 142 -15.00 21.65 5.55
CA THR C 142 -15.84 22.52 4.70
C THR C 142 -16.98 21.69 4.09
N ASN C 143 -18.05 22.37 3.72
CA ASN C 143 -19.06 21.85 2.78
C ASN C 143 -18.37 21.66 1.42
N ALA C 144 -18.17 20.43 0.98
CA ALA C 144 -17.34 20.08 -0.20
C ALA C 144 -18.00 20.62 -1.48
N VAL C 145 -19.32 20.85 -1.45
CA VAL C 145 -20.11 21.31 -2.64
C VAL C 145 -20.02 22.84 -2.73
N THR C 146 -20.26 23.56 -1.63
CA THR C 146 -20.40 25.05 -1.63
C THR C 146 -19.09 25.71 -1.18
N ARG C 147 -18.21 24.95 -0.51
CA ARG C 147 -16.91 25.44 0.02
C ARG C 147 -17.15 26.33 1.25
N GLU C 148 -18.37 26.36 1.78
CA GLU C 148 -18.68 27.04 3.05
C GLU C 148 -17.77 26.48 4.15
N PRO C 149 -17.01 27.36 4.85
CA PRO C 149 -16.21 26.96 6.00
C PRO C 149 -17.09 26.33 7.09
N ILE C 150 -16.62 25.26 7.74
CA ILE C 150 -17.31 24.65 8.92
C ILE C 150 -16.46 24.88 10.17
N TYR C 151 -15.25 24.36 10.20
CA TYR C 151 -14.37 24.45 11.39
C TYR C 151 -12.92 24.10 11.01
N THR C 152 -11.99 24.66 11.78
CA THR C 152 -10.55 24.38 11.71
C THR C 152 -10.02 24.16 13.13
N PHE C 153 -9.44 22.99 13.39
CA PHE C 153 -8.59 22.73 14.57
C PHE C 153 -7.15 23.08 14.25
N THR C 154 -6.44 23.65 15.21
CA THR C 154 -4.98 23.72 15.23
C THR C 154 -4.44 22.68 16.18
N ALA C 155 -3.57 21.82 15.69
CA ALA C 155 -2.83 20.84 16.51
C ALA C 155 -1.35 21.01 16.20
N SER C 156 -0.47 20.66 17.12
CA SER C 156 0.96 20.37 16.82
C SER C 156 1.17 18.85 16.92
N PHE C 157 1.26 18.20 15.78
CA PHE C 157 1.27 16.74 15.64
C PHE C 157 2.68 16.24 15.96
N THR C 158 2.78 15.35 16.95
CA THR C 158 4.05 14.70 17.40
C THR C 158 4.04 13.21 17.03
N ARG C 159 2.91 12.69 16.48
CA ARG C 159 2.73 11.24 16.18
C ARG C 159 1.85 11.08 14.93
N LYS C 160 1.81 9.88 14.37
CA LYS C 160 0.97 9.56 13.20
C LYS C 160 -0.48 9.95 13.51
N VAL C 161 -1.24 10.44 12.54
CA VAL C 161 -2.72 10.67 12.62
C VAL C 161 -3.42 9.84 11.54
N ILE C 162 -4.63 9.37 11.81
CA ILE C 162 -5.39 8.44 10.92
C ILE C 162 -6.77 9.01 10.70
N PRO C 163 -7.23 9.10 9.43
CA PRO C 163 -8.60 9.48 9.14
C PRO C 163 -9.57 8.65 9.99
N PHE C 164 -10.59 9.31 10.53
CA PHE C 164 -11.52 8.78 11.56
C PHE C 164 -12.97 9.05 11.11
N PHE C 165 -13.83 8.06 11.32
CA PHE C 165 -15.25 8.06 10.91
C PHE C 165 -16.09 7.35 11.95
N GLY C 166 -17.30 7.86 12.19
CA GLY C 166 -18.31 7.23 13.04
C GLY C 166 -19.69 7.42 12.45
N LEU C 167 -20.56 6.44 12.69
CA LEU C 167 -22.01 6.48 12.37
C LEU C 167 -22.82 6.08 13.60
N TRP C 168 -24.04 6.60 13.70
CA TRP C 168 -25.02 6.17 14.70
C TRP C 168 -26.42 6.13 14.08
N GLY C 169 -27.15 5.04 14.35
CA GLY C 169 -28.56 4.88 13.95
C GLY C 169 -28.69 4.09 12.67
N ARG C 170 -29.59 3.09 12.64
CA ARG C 170 -29.83 2.19 11.48
C ARG C 170 -30.18 3.03 10.26
N GLY C 171 -29.69 2.63 9.07
CA GLY C 171 -29.93 3.28 7.78
C GLY C 171 -28.87 4.32 7.47
N SER C 172 -28.20 4.87 8.49
CA SER C 172 -27.19 5.93 8.37
C SER C 172 -25.92 5.36 7.71
N SER C 173 -25.27 6.13 6.84
CA SER C 173 -24.16 5.65 6.01
C SER C 173 -23.30 6.81 5.50
N PHE C 174 -22.11 6.50 5.04
CA PHE C 174 -21.20 7.46 4.40
C PHE C 174 -20.40 6.73 3.32
N SER C 175 -19.97 7.49 2.32
CA SER C 175 -19.09 7.02 1.22
C SER C 175 -17.91 8.00 1.08
N LEU C 176 -16.75 7.48 0.66
CA LEU C 176 -15.52 8.25 0.51
C LEU C 176 -15.33 8.67 -0.95
N SER C 177 -14.65 9.81 -1.12
CA SER C 177 -14.36 10.56 -2.37
C SER C 177 -13.14 11.45 -2.06
N SER C 178 -12.70 12.31 -2.98
CA SER C 178 -11.63 13.32 -2.71
C SER C 178 -11.76 14.52 -3.66
#